data_3HER
#
_entry.id   3HER
#
_cell.length_a   57.611
_cell.length_b   57.611
_cell.length_c   163.337
_cell.angle_alpha   90.00
_cell.angle_beta   90.00
_cell.angle_gamma   90.00
#
_symmetry.space_group_name_H-M   'P 43 21 2'
#
loop_
_entity.id
_entity.type
_entity.pdbx_description
1 polymer 'Major prion protein'
2 non-polymer 'CADMIUM ION'
3 water water
#
_entity_poly.entity_id   1
_entity_poly.type   'polypeptide(L)'
_entity_poly.pdbx_seq_one_letter_code
;GQGGGTHSQWNKPSKPKTNMKHMAGAAAAGAVVGGLGGYVLGSAMSRPIIHFGSDYEDRYYRENMHRYPNQVYYRPMDEY
SNQNNFVHDCVNITIKQHTVTTTTKGENSTETDVKMMERVVEQMCITQYERESQAYYQRGSS
;
_entity_poly.pdbx_strand_id   A,B
#
loop_
_chem_comp.id
_chem_comp.type
_chem_comp.name
_chem_comp.formula
CD non-polymer 'CADMIUM ION' 'Cd 2'
#
# COMPACT_ATOMS: atom_id res chain seq x y z
N LEU A 36 27.89 2.82 -12.02
CA LEU A 36 27.61 3.72 -13.16
C LEU A 36 27.99 3.07 -14.49
N GLY A 37 27.04 2.93 -15.40
CA GLY A 37 27.39 2.22 -16.64
C GLY A 37 26.30 1.53 -17.42
N GLY A 38 25.09 1.96 -17.24
CA GLY A 38 24.17 1.35 -18.08
C GLY A 38 23.70 0.16 -17.31
N TYR A 39 22.41 0.11 -17.24
CA TYR A 39 21.75 -0.95 -16.59
C TYR A 39 20.67 -1.29 -17.58
N VAL A 40 20.19 -2.52 -17.47
CA VAL A 40 19.10 -3.03 -18.26
C VAL A 40 18.03 -3.54 -17.30
N LEU A 41 16.77 -3.34 -17.63
CA LEU A 41 15.63 -3.94 -16.90
C LEU A 41 15.42 -5.39 -17.32
N GLY A 42 15.59 -6.31 -16.38
CA GLY A 42 15.43 -7.73 -16.69
C GLY A 42 13.98 -8.14 -16.89
N SER A 43 13.77 -9.38 -17.37
CA SER A 43 12.44 -9.92 -17.59
C SER A 43 11.81 -10.22 -16.25
N ALA A 44 10.49 -10.19 -16.18
CA ALA A 44 9.76 -10.60 -14.97
C ALA A 44 10.17 -12.00 -14.51
N MET A 45 10.17 -12.23 -13.19
CA MET A 45 10.34 -13.53 -12.63
C MET A 45 9.29 -13.73 -11.53
N SER A 46 9.14 -14.94 -11.02
CA SER A 46 8.13 -15.10 -9.98
C SER A 46 8.69 -14.47 -8.68
N ARG A 47 7.85 -13.84 -7.87
CA ARG A 47 8.40 -13.15 -6.68
C ARG A 47 8.73 -14.17 -5.62
N PRO A 48 9.91 -14.04 -5.02
CA PRO A 48 10.28 -14.99 -3.99
C PRO A 48 9.47 -14.74 -2.72
N ILE A 49 9.31 -15.78 -1.91
CA ILE A 49 8.72 -15.59 -0.58
C ILE A 49 9.80 -15.37 0.45
N ILE A 50 9.77 -14.21 1.10
CA ILE A 50 10.77 -13.85 2.06
C ILE A 50 10.18 -14.15 3.45
N HIS A 51 11.00 -14.62 4.38
CA HIS A 51 10.49 -15.09 5.67
C HIS A 51 11.05 -14.22 6.78
N PHE A 52 10.21 -13.88 7.75
CA PHE A 52 10.57 -13.01 8.85
C PHE A 52 10.28 -13.77 10.16
N GLY A 53 11.05 -13.52 11.20
CA GLY A 53 10.85 -14.20 12.49
C GLY A 53 9.67 -13.59 13.27
N SER A 54 9.38 -12.34 12.97
CA SER A 54 8.23 -11.59 13.53
C SER A 54 6.94 -12.00 12.81
N ASP A 55 5.92 -12.41 13.57
CA ASP A 55 4.71 -12.92 12.93
C ASP A 55 4.04 -11.83 12.10
N TYR A 56 4.12 -10.58 12.58
CA TYR A 56 3.46 -9.50 11.84
C TYR A 56 4.09 -9.35 10.45
N GLU A 57 5.41 -9.23 10.42
CA GLU A 57 6.08 -8.98 9.14
C GLU A 57 5.98 -10.17 8.22
N ASP A 58 6.03 -11.36 8.81
CA ASP A 58 5.98 -12.59 8.00
C ASP A 58 4.65 -12.62 7.23
N ARG A 59 3.58 -12.28 7.93
CA ARG A 59 2.26 -12.29 7.28
C ARG A 59 2.07 -11.11 6.33
N TYR A 60 2.62 -9.96 6.71
CA TYR A 60 2.47 -8.76 5.94
C TYR A 60 3.05 -9.06 4.53
N TYR A 61 4.22 -9.68 4.51
CA TYR A 61 4.87 -9.99 3.25
C TYR A 61 3.98 -10.92 2.42
N ARG A 62 3.45 -11.99 3.03
CA ARG A 62 2.59 -12.92 2.29
C ARG A 62 1.43 -12.19 1.66
N GLU A 63 0.83 -11.27 2.40
CA GLU A 63 -0.35 -10.56 1.88
C GLU A 63 -0.05 -9.46 0.88
N ASN A 64 1.18 -8.95 0.88
CA ASN A 64 1.46 -7.71 0.17
C ASN A 64 2.56 -7.85 -0.90
N MET A 65 3.05 -9.07 -1.11
CA MET A 65 4.24 -9.21 -1.97
C MET A 65 3.96 -8.79 -3.40
N HIS A 66 2.70 -8.93 -3.79
CA HIS A 66 2.25 -8.68 -5.16
C HIS A 66 2.44 -7.23 -5.56
N ARG A 67 2.76 -6.36 -4.59
CA ARG A 67 2.96 -4.93 -4.86
C ARG A 67 4.40 -4.46 -5.06
N TYR A 68 5.36 -5.36 -4.90
CA TYR A 68 6.77 -4.98 -5.08
C TYR A 68 7.07 -5.35 -6.51
N PRO A 69 8.19 -4.86 -7.07
CA PRO A 69 8.45 -5.19 -8.48
C PRO A 69 8.79 -6.67 -8.64
N ASN A 70 8.67 -7.21 -9.86
CA ASN A 70 9.07 -8.59 -10.12
C ASN A 70 10.15 -8.61 -11.21
N GLN A 71 10.86 -7.50 -11.31
CA GLN A 71 11.99 -7.32 -12.26
C GLN A 71 13.06 -6.49 -11.59
N VAL A 72 14.33 -6.65 -12.00
CA VAL A 72 15.40 -5.86 -11.42
C VAL A 72 16.21 -5.23 -12.55
N TYR A 73 16.83 -4.11 -12.23
CA TYR A 73 17.80 -3.47 -13.12
C TYR A 73 19.17 -4.00 -12.77
N TYR A 74 19.99 -4.28 -13.78
CA TYR A 74 21.31 -4.84 -13.49
C TYR A 74 22.30 -4.34 -14.52
N ARG A 75 23.57 -4.43 -14.16
CA ARG A 75 24.64 -4.11 -15.10
C ARG A 75 24.95 -5.34 -15.94
N PRO A 76 24.86 -5.21 -17.27
CA PRO A 76 25.06 -6.34 -18.14
C PRO A 76 26.43 -6.99 -17.87
N MET A 77 26.49 -8.31 -18.04
CA MET A 77 27.63 -9.11 -17.65
C MET A 77 28.77 -8.91 -18.63
N ASP A 78 29.96 -8.64 -18.10
CA ASP A 78 31.18 -8.61 -18.93
C ASP A 78 32.37 -9.01 -18.06
N GLU A 79 33.59 -8.68 -18.50
CA GLU A 79 34.79 -9.20 -17.81
C GLU A 79 35.00 -8.66 -16.41
N TYR A 80 34.39 -7.53 -16.08
CA TYR A 80 34.60 -7.02 -14.74
C TYR A 80 33.57 -7.56 -13.75
N SER A 81 32.59 -8.29 -14.27
CA SER A 81 31.48 -8.80 -13.46
C SER A 81 31.86 -10.05 -12.67
N ASN A 82 31.40 -10.13 -11.44
CA ASN A 82 31.39 -11.36 -10.64
C ASN A 82 30.14 -11.36 -9.75
N GLN A 83 29.85 -12.46 -9.07
CA GLN A 83 28.60 -12.50 -8.32
C GLN A 83 28.50 -11.42 -7.25
N ASN A 84 29.62 -11.10 -6.60
CA ASN A 84 29.59 -10.08 -5.57
C ASN A 84 29.20 -8.73 -6.15
N ASN A 85 29.92 -8.27 -7.16
CA ASN A 85 29.61 -6.94 -7.63
C ASN A 85 28.34 -6.90 -8.48
N PHE A 86 27.97 -8.02 -9.11
CA PHE A 86 26.72 -8.04 -9.91
C PHE A 86 25.52 -7.81 -8.98
N VAL A 87 25.45 -8.55 -7.87
CA VAL A 87 24.29 -8.44 -6.96
C VAL A 87 24.35 -7.10 -6.25
N HIS A 88 25.56 -6.70 -5.85
CA HIS A 88 25.74 -5.38 -5.21
C HIS A 88 25.16 -4.29 -6.12
N ASP A 89 25.56 -4.29 -7.38
CA ASP A 89 25.15 -3.23 -8.33
C ASP A 89 23.65 -3.28 -8.59
N CYS A 90 23.15 -4.51 -8.77
CA CYS A 90 21.73 -4.75 -9.01
C CYS A 90 20.85 -4.26 -7.84
N VAL A 91 21.21 -4.55 -6.59
CA VAL A 91 20.39 -4.18 -5.46
C VAL A 91 20.39 -2.65 -5.37
N ASN A 92 21.56 -2.07 -5.56
CA ASN A 92 21.70 -0.62 -5.45
C ASN A 92 20.89 0.15 -6.44
N ILE A 93 21.01 -0.20 -7.73
CA ILE A 93 20.31 0.53 -8.79
C ILE A 93 18.83 0.23 -8.83
N THR A 94 18.47 -1.01 -8.57
CA THR A 94 17.06 -1.36 -8.50
C THR A 94 16.33 -0.57 -7.40
N ILE A 95 16.92 -0.51 -6.21
CA ILE A 95 16.32 0.29 -5.12
C ILE A 95 16.19 1.78 -5.49
N LYS A 96 17.27 2.35 -6.01
CA LYS A 96 17.21 3.73 -6.53
C LYS A 96 16.12 3.99 -7.59
N GLN A 97 16.05 3.13 -8.60
CA GLN A 97 15.09 3.34 -9.65
C GLN A 97 13.67 3.22 -9.12
N HIS A 98 13.47 2.36 -8.12
CA HIS A 98 12.11 2.16 -7.65
C HIS A 98 11.65 3.40 -6.88
N THR A 99 12.59 4.08 -6.24
CA THR A 99 12.31 5.38 -5.62
C THR A 99 11.91 6.46 -6.62
N VAL A 100 12.65 6.55 -7.73
CA VAL A 100 12.31 7.47 -8.82
C VAL A 100 10.97 7.10 -9.46
N THR A 101 10.75 5.81 -9.70
CA THR A 101 9.54 5.35 -10.38
C THR A 101 8.30 5.56 -9.51
N THR A 102 8.44 5.33 -8.21
CA THR A 102 7.34 5.49 -7.27
C THR A 102 7.08 6.97 -7.00
N THR A 103 7.92 7.82 -7.59
CA THR A 103 7.91 9.25 -7.31
C THR A 103 8.30 9.53 -5.86
N SER A 109 7.01 3.24 0.48
CA SER A 109 6.32 4.18 1.35
C SER A 109 6.83 4.06 2.79
N THR A 110 6.24 3.13 3.54
CA THR A 110 6.54 2.92 4.95
C THR A 110 7.86 2.22 5.21
N GLU A 111 8.34 2.33 6.44
CA GLU A 111 9.54 1.64 6.90
CA GLU A 111 9.56 1.65 6.88
C GLU A 111 9.47 0.14 6.61
N THR A 112 8.30 -0.42 6.85
CA THR A 112 8.08 -1.84 6.62
C THR A 112 8.26 -2.16 5.12
N ASP A 113 7.67 -1.36 4.25
CA ASP A 113 7.76 -1.62 2.80
C ASP A 113 9.19 -1.48 2.31
N VAL A 114 9.94 -0.53 2.87
CA VAL A 114 11.33 -0.34 2.48
C VAL A 114 12.20 -1.57 2.78
N LYS A 115 12.06 -2.06 4.02
CA LYS A 115 12.76 -3.23 4.53
C LYS A 115 12.43 -4.41 3.61
N MET A 116 11.16 -4.59 3.30
CA MET A 116 10.80 -5.76 2.50
C MET A 116 11.23 -5.67 1.04
N MET A 117 11.17 -4.46 0.52
CA MET A 117 11.58 -4.23 -0.84
C MET A 117 13.03 -4.65 -0.99
N GLU A 118 13.86 -4.22 -0.06
CA GLU A 118 15.27 -4.48 -0.20
C GLU A 118 15.58 -5.98 -0.18
N ARG A 119 14.84 -6.73 0.61
CA ARG A 119 15.06 -8.16 0.70
CA ARG A 119 15.06 -8.17 0.70
C ARG A 119 14.59 -8.91 -0.55
N VAL A 120 13.44 -8.50 -1.08
CA VAL A 120 12.97 -9.22 -2.28
C VAL A 120 13.88 -8.89 -3.48
N VAL A 121 14.34 -7.64 -3.54
CA VAL A 121 15.23 -7.21 -4.65
C VAL A 121 16.54 -7.98 -4.56
N GLU A 122 17.07 -8.15 -3.35
CA GLU A 122 18.30 -8.96 -3.29
C GLU A 122 18.09 -10.37 -3.83
N GLN A 123 17.03 -11.03 -3.41
CA GLN A 123 16.82 -12.39 -3.89
CA GLN A 123 16.81 -12.40 -3.90
C GLN A 123 16.61 -12.42 -5.40
N MET A 124 15.89 -11.44 -5.94
CA MET A 124 15.68 -11.37 -7.41
C MET A 124 16.97 -11.10 -8.18
N CYS A 125 17.85 -10.32 -7.57
CA CYS A 125 19.14 -9.99 -8.20
C CYS A 125 20.05 -11.21 -8.27
N ILE A 126 19.96 -12.06 -7.26
CA ILE A 126 20.68 -13.34 -7.27
C ILE A 126 20.15 -14.22 -8.40
N THR A 127 18.85 -14.32 -8.52
CA THR A 127 18.27 -15.02 -9.67
C THR A 127 18.76 -14.40 -10.98
N GLN A 128 18.77 -13.09 -11.05
CA GLN A 128 19.15 -12.44 -12.30
C GLN A 128 20.61 -12.79 -12.60
N TYR A 129 21.42 -12.87 -11.58
CA TYR A 129 22.82 -13.25 -11.81
C TYR A 129 22.93 -14.65 -12.40
N GLU A 130 22.14 -15.56 -11.89
CA GLU A 130 22.17 -16.92 -12.37
C GLU A 130 21.75 -16.94 -13.83
N ARG A 131 20.75 -16.13 -14.17
CA ARG A 131 20.26 -15.99 -15.55
C ARG A 131 21.36 -15.42 -16.45
N GLU A 132 22.02 -14.35 -15.99
CA GLU A 132 22.99 -13.69 -16.86
C GLU A 132 24.30 -14.45 -16.98
N SER A 133 24.69 -15.18 -15.93
CA SER A 133 25.95 -15.92 -16.00
C SER A 133 25.82 -17.29 -16.67
N GLN A 134 24.65 -17.92 -16.54
CA GLN A 134 24.40 -19.14 -17.30
C GLN A 134 23.95 -18.81 -18.72
N ALA A 135 24.34 -17.61 -19.16
CA ALA A 135 24.12 -17.17 -20.55
C ALA A 135 25.36 -16.46 -21.09
N TYR A 136 26.29 -16.14 -20.19
CA TYR A 136 27.50 -15.41 -20.56
C TYR A 136 28.60 -16.33 -21.07
N TYR A 137 29.03 -17.26 -20.23
CA TYR A 137 30.06 -18.23 -20.61
C TYR A 137 29.55 -19.20 -21.67
N GLY B 37 -24.14 14.73 -8.40
CA GLY B 37 -25.51 14.56 -7.84
C GLY B 37 -25.84 15.62 -6.82
N GLY B 38 -26.43 15.21 -5.70
CA GLY B 38 -26.76 16.12 -4.61
C GLY B 38 -25.90 15.86 -3.37
N TYR B 39 -24.60 15.63 -3.59
CA TYR B 39 -23.69 15.35 -2.48
C TYR B 39 -22.71 16.48 -2.33
N VAL B 40 -22.07 16.56 -1.16
CA VAL B 40 -20.98 17.46 -0.93
C VAL B 40 -19.72 16.69 -0.47
N LEU B 41 -18.58 17.37 -0.51
CA LEU B 41 -17.33 16.80 -0.02
C LEU B 41 -17.05 17.42 1.32
N GLY B 42 -16.67 16.60 2.30
CA GLY B 42 -16.42 17.12 3.62
C GLY B 42 -14.99 17.58 3.83
N SER B 43 -14.80 18.38 4.87
CA SER B 43 -13.46 18.79 5.25
C SER B 43 -12.66 17.60 5.77
N ALA B 44 -11.34 17.73 5.70
CA ALA B 44 -10.44 16.68 6.17
C ALA B 44 -10.53 16.55 7.70
N MET B 45 -10.47 15.33 8.22
CA MET B 45 -10.60 15.18 9.66
C MET B 45 -9.53 14.22 10.18
N SER B 46 -9.40 14.16 11.49
CA SER B 46 -8.41 13.29 12.09
C SER B 46 -8.80 11.90 11.72
N ARG B 47 -7.81 11.06 11.44
CA ARG B 47 -8.10 9.68 11.15
C ARG B 47 -8.60 8.93 12.37
N PRO B 48 -9.58 8.05 12.19
CA PRO B 48 -10.16 7.42 13.36
C PRO B 48 -9.30 6.32 13.96
N ILE B 49 -9.42 6.14 15.28
CA ILE B 49 -8.89 4.95 15.98
C ILE B 49 -9.90 3.83 15.81
N ILE B 50 -9.44 2.68 15.36
CA ILE B 50 -10.30 1.57 15.09
C ILE B 50 -9.62 0.34 15.69
N HIS B 51 -10.38 -0.51 16.36
CA HIS B 51 -9.79 -1.71 16.93
C HIS B 51 -10.33 -2.95 16.23
N PHE B 52 -9.46 -3.94 16.03
CA PHE B 52 -9.80 -5.17 15.35
C PHE B 52 -9.58 -6.34 16.28
N GLY B 53 -10.21 -7.48 15.98
CA GLY B 53 -10.09 -8.67 16.82
C GLY B 53 -8.82 -9.45 16.52
N SER B 54 -8.48 -9.61 15.25
CA SER B 54 -7.17 -10.13 14.81
C SER B 54 -6.00 -9.23 15.21
N ASP B 55 -4.95 -9.77 15.84
CA ASP B 55 -3.78 -8.94 16.24
C ASP B 55 -3.04 -8.31 15.05
N TYR B 56 -3.07 -9.02 13.94
CA TYR B 56 -2.37 -8.57 12.75
C TYR B 56 -3.06 -7.32 12.22
N GLU B 57 -4.37 -7.45 12.01
CA GLU B 57 -5.16 -6.34 11.44
C GLU B 57 -5.08 -5.16 12.38
N ASP B 58 -5.24 -5.46 13.66
CA ASP B 58 -5.18 -4.42 14.63
C ASP B 58 -3.89 -3.63 14.49
N ARG B 59 -2.75 -4.30 14.29
CA ARG B 59 -1.48 -3.57 14.08
C ARG B 59 -1.29 -2.96 12.68
N TYR B 60 -1.82 -3.61 11.66
CA TYR B 60 -1.70 -3.12 10.29
C TYR B 60 -2.31 -1.73 10.16
N TYR B 61 -3.48 -1.57 10.77
CA TYR B 61 -4.18 -0.29 10.67
C TYR B 61 -3.36 0.75 11.37
N ARG B 62 -3.04 0.46 12.61
CA ARG B 62 -2.14 1.28 13.39
C ARG B 62 -1.04 1.79 12.50
N GLU B 63 -0.41 0.91 11.72
CA GLU B 63 0.77 1.32 10.93
C GLU B 63 0.49 1.89 9.55
N ASN B 64 -0.72 1.67 9.00
CA ASN B 64 -0.99 2.09 7.62
C ASN B 64 -2.20 3.03 7.45
N MET B 65 -2.73 3.51 8.56
CA MET B 65 -3.92 4.36 8.55
C MET B 65 -3.76 5.66 7.75
N HIS B 66 -2.51 6.14 7.64
CA HIS B 66 -2.25 7.41 6.97
C HIS B 66 -2.39 7.35 5.46
N ARG B 67 -2.67 6.18 4.91
CA ARG B 67 -2.82 6.08 3.47
C ARG B 67 -4.26 5.84 2.98
N TYR B 68 -5.23 5.91 3.90
CA TYR B 68 -6.66 5.96 3.53
C TYR B 68 -7.06 7.45 3.53
N PRO B 69 -8.07 7.80 2.74
CA PRO B 69 -8.54 9.20 2.64
C PRO B 69 -9.01 9.68 4.02
N ASN B 70 -9.01 11.00 4.26
CA ASN B 70 -9.43 11.55 5.53
C ASN B 70 -10.61 12.53 5.36
N GLN B 71 -11.35 12.35 4.29
CA GLN B 71 -12.59 13.08 4.10
C GLN B 71 -13.62 12.18 3.38
N VAL B 72 -14.90 12.49 3.53
CA VAL B 72 -15.99 11.69 2.94
C VAL B 72 -16.94 12.58 2.14
N TYR B 73 -17.72 11.97 1.26
CA TYR B 73 -18.77 12.65 0.54
C TYR B 73 -20.06 12.30 1.27
N TYR B 74 -21.01 13.21 1.27
CA TYR B 74 -22.23 12.94 2.04
C TYR B 74 -23.37 13.81 1.54
N ARG B 75 -24.59 13.36 1.82
CA ARG B 75 -25.77 14.12 1.49
C ARG B 75 -25.99 15.17 2.56
N PRO B 76 -25.98 16.44 2.19
CA PRO B 76 -25.99 17.45 3.22
C PRO B 76 -27.29 17.38 4.06
N MET B 77 -27.21 17.81 5.32
CA MET B 77 -28.33 17.74 6.29
C MET B 77 -29.52 18.57 5.88
N ASP B 78 -30.71 17.96 5.85
CA ASP B 78 -31.94 18.73 5.67
C ASP B 78 -33.03 18.08 6.52
N GLU B 79 -34.29 18.46 6.31
CA GLU B 79 -35.40 17.95 7.12
C GLU B 79 -35.71 16.46 6.93
N TYR B 80 -35.09 15.81 5.94
CA TYR B 80 -35.21 14.33 5.80
C TYR B 80 -34.10 13.49 6.46
N SER B 81 -32.99 14.14 6.82
CA SER B 81 -31.80 13.45 7.35
C SER B 81 -31.98 12.90 8.78
N ASN B 82 -31.38 11.74 9.06
CA ASN B 82 -31.13 11.31 10.45
C ASN B 82 -29.85 10.52 10.44
N GLN B 83 -29.44 10.02 11.59
CA GLN B 83 -28.10 9.45 11.68
C GLN B 83 -28.03 8.24 10.77
N ASN B 84 -29.08 7.42 10.80
CA ASN B 84 -29.02 6.21 10.01
C ASN B 84 -28.97 6.43 8.52
N ASN B 85 -29.85 7.27 7.99
CA ASN B 85 -29.81 7.46 6.54
C ASN B 85 -28.65 8.32 6.11
N PHE B 86 -28.16 9.17 7.01
CA PHE B 86 -26.98 9.99 6.69
C PHE B 86 -25.73 9.11 6.51
N VAL B 87 -25.50 8.25 7.51
CA VAL B 87 -24.38 7.29 7.44
C VAL B 87 -24.52 6.33 6.26
N HIS B 88 -25.72 5.80 6.07
CA HIS B 88 -26.03 4.97 4.91
C HIS B 88 -25.61 5.63 3.61
N ASP B 89 -26.02 6.87 3.41
CA ASP B 89 -25.75 7.53 2.13
C ASP B 89 -24.29 7.89 1.98
N CYS B 90 -23.70 8.38 3.06
CA CYS B 90 -22.28 8.80 3.06
C CYS B 90 -21.35 7.61 2.76
N VAL B 91 -21.64 6.46 3.36
CA VAL B 91 -20.82 5.27 3.13
C VAL B 91 -21.02 4.84 1.67
N ASN B 92 -22.25 4.83 1.22
CA ASN B 92 -22.52 4.38 -0.16
C ASN B 92 -21.82 5.23 -1.21
N ILE B 93 -21.99 6.53 -1.10
CA ILE B 93 -21.41 7.42 -2.08
C ILE B 93 -19.88 7.47 -1.99
N THR B 94 -19.32 7.48 -0.78
CA THR B 94 -17.87 7.62 -0.59
C THR B 94 -17.15 6.37 -1.12
N ILE B 95 -17.66 5.19 -0.77
CA ILE B 95 -17.06 3.93 -1.28
C ILE B 95 -17.17 3.84 -2.79
N LYS B 96 -18.33 4.24 -3.33
CA LYS B 96 -18.54 4.23 -4.78
C LYS B 96 -17.58 5.17 -5.51
N GLN B 97 -17.34 6.34 -4.93
CA GLN B 97 -16.40 7.31 -5.48
C GLN B 97 -14.97 6.81 -5.47
N HIS B 98 -14.61 6.01 -4.48
CA HIS B 98 -13.25 5.50 -4.43
CA HIS B 98 -13.26 5.47 -4.39
C HIS B 98 -13.11 4.20 -5.23
N THR B 99 -14.22 3.60 -5.63
CA THR B 99 -14.16 2.43 -6.50
C THR B 99 -13.92 2.90 -7.93
N VAL B 100 -14.76 3.83 -8.36
CA VAL B 100 -14.57 4.53 -9.63
C VAL B 100 -13.16 5.12 -9.70
N THR B 101 -12.80 5.92 -8.70
CA THR B 101 -11.46 6.48 -8.62
C THR B 101 -10.42 5.38 -8.60
N SER B 109 -7.04 -3.47 -4.94
CA SER B 109 -6.73 -3.37 -3.52
C SER B 109 -6.69 -4.74 -2.87
N THR B 110 -5.88 -4.91 -1.83
CA THR B 110 -5.95 -6.15 -1.08
C THR B 110 -7.27 -6.23 -0.33
N GLU B 111 -7.70 -7.43 0.01
CA GLU B 111 -8.88 -7.61 0.85
CA GLU B 111 -8.90 -7.56 0.82
C GLU B 111 -8.71 -6.88 2.17
N THR B 112 -7.48 -6.80 2.67
CA THR B 112 -7.27 -6.16 3.98
C THR B 112 -7.57 -4.66 3.89
N ASP B 113 -7.05 -4.02 2.86
CA ASP B 113 -7.24 -2.59 2.66
C ASP B 113 -8.70 -2.23 2.38
N VAL B 114 -9.40 -3.10 1.67
CA VAL B 114 -10.81 -2.83 1.38
C VAL B 114 -11.64 -2.84 2.66
N LYS B 115 -11.37 -3.80 3.53
CA LYS B 115 -12.02 -3.87 4.85
C LYS B 115 -11.72 -2.63 5.68
N MET B 116 -10.43 -2.30 5.76
CA MET B 116 -9.95 -1.13 6.49
C MET B 116 -10.61 0.15 5.97
N MET B 117 -10.61 0.32 4.65
CA MET B 117 -11.16 1.50 4.03
C MET B 117 -12.62 1.70 4.45
N GLU B 118 -13.41 0.63 4.36
CA GLU B 118 -14.83 0.71 4.73
C GLU B 118 -15.00 1.11 6.20
N ARG B 119 -14.17 0.56 7.08
CA ARG B 119 -14.28 0.91 8.51
C ARG B 119 -13.93 2.39 8.74
N VAL B 120 -12.84 2.84 8.12
CA VAL B 120 -12.46 4.24 8.20
C VAL B 120 -13.60 5.19 7.70
N VAL B 121 -14.14 4.88 6.53
CA VAL B 121 -15.18 5.72 5.95
C VAL B 121 -16.42 5.74 6.86
N GLU B 122 -16.81 4.60 7.37
CA GLU B 122 -17.98 4.59 8.25
C GLU B 122 -17.79 5.46 9.52
N GLN B 123 -16.63 5.32 10.17
CA GLN B 123 -16.36 6.15 11.34
CA GLN B 123 -16.29 6.15 11.32
C GLN B 123 -16.29 7.63 10.99
N MET B 124 -15.66 8.00 9.87
CA MET B 124 -15.70 9.39 9.45
C MET B 124 -17.11 9.87 9.14
N CYS B 125 -17.94 9.01 8.56
CA CYS B 125 -19.31 9.39 8.25
C CYS B 125 -20.10 9.66 9.54
N ILE B 126 -19.87 8.83 10.54
CA ILE B 126 -20.53 8.99 11.84
C ILE B 126 -20.08 10.32 12.46
N THR B 127 -18.79 10.60 12.38
CA THR B 127 -18.27 11.88 12.89
C THR B 127 -18.81 13.07 12.12
N GLN B 128 -18.91 12.96 10.80
CA GLN B 128 -19.50 14.02 10.00
C GLN B 128 -20.97 14.25 10.41
N TYR B 129 -21.70 13.18 10.66
CA TYR B 129 -23.11 13.37 11.08
C TYR B 129 -23.14 14.19 12.38
N GLU B 130 -22.24 13.88 13.28
CA GLU B 130 -22.26 14.57 14.58
C GLU B 130 -22.06 16.05 14.38
N ARG B 131 -21.11 16.39 13.53
CA ARG B 131 -20.74 17.77 13.20
C ARG B 131 -21.92 18.46 12.51
N GLU B 132 -22.50 17.80 11.52
CA GLU B 132 -23.51 18.41 10.68
C GLU B 132 -24.83 18.60 11.40
N SER B 133 -25.20 17.61 12.20
CA SER B 133 -26.48 17.69 12.88
C SER B 133 -26.42 18.71 14.00
N GLN B 134 -25.30 18.76 14.71
CA GLN B 134 -25.06 19.80 15.72
C GLN B 134 -25.25 21.18 15.09
N ALA B 135 -24.70 21.40 13.89
CA ALA B 135 -24.85 22.69 13.23
C ALA B 135 -26.30 22.90 12.77
N TYR B 136 -26.92 21.85 12.26
CA TYR B 136 -28.21 21.99 11.62
C TYR B 136 -29.29 22.38 12.63
N TYR B 137 -29.26 21.76 13.80
CA TYR B 137 -30.25 22.08 14.83
C TYR B 137 -29.86 23.41 15.49
N GLN B 138 -28.61 23.79 15.28
CA GLN B 138 -28.08 25.10 15.66
C GLN B 138 -28.01 25.29 17.18
CD CD C . 7.45 -17.32 6.94
CD CD D . -6.71 -2.28 19.17
#